data_4YPX
#
_entry.id   4YPX
#
_cell.length_a   94.460
_cell.length_b   94.460
_cell.length_c   178.231
_cell.angle_alpha   90.000
_cell.angle_beta   90.000
_cell.angle_gamma   120.000
#
_symmetry.space_group_name_H-M   'H 3 2'
#
loop_
_entity.id
_entity.type
_entity.pdbx_description
1 polymer 'tRNA (guanine-N(1)-)-methyltransferase'
2 non-polymer 6-aminopyridine-3-carboxamide
3 water water
#
_entity_poly.entity_id   1
_entity_poly.type   'polypeptide(L)'
_entity_poly.pdbx_seq_one_letter_code
;GLVPRGSHMWIGVISLFPEMFKAITEFGVTGRAVKHNLLKVECWNPRDFTFDKHKTVDDRPYGGGPGMLMMVQPLRDAIH
TAKAAAGEGAKVIYLSPQGRKLDQGGVTELAQNQKLILVCGRYEGIDERLIQTEIDEEWSIGDYVLTGGELPAMTLIDAV
ARFIPGVLGKQASAEEDSFADGLLDCPHYTRPEVLEGLTVPPVLMSGHHEEIRKWRLKQSLQRTWLRRPELLEGLALTDE
QRKLLKEAQAEHNS
;
_entity_poly.pdbx_strand_id   A
#
loop_
_chem_comp.id
_chem_comp.type
_chem_comp.name
_chem_comp.formula
4FG non-polymer 6-aminopyridine-3-carboxamide 'C6 H7 N3 O'
#
# COMPACT_ATOMS: atom_id res chain seq x y z
N ARG A 5 -2.74 -20.65 2.78
CA ARG A 5 -1.77 -21.20 3.73
C ARG A 5 -2.00 -20.62 5.13
N GLY A 6 -0.95 -20.64 5.95
CA GLY A 6 -1.02 -20.22 7.34
C GLY A 6 -1.69 -18.87 7.55
N SER A 7 -0.93 -17.79 7.39
CA SER A 7 -1.50 -16.46 7.52
C SER A 7 -2.01 -15.95 6.17
N HIS A 8 -2.66 -16.86 5.44
CA HIS A 8 -3.39 -16.54 4.21
C HIS A 8 -4.17 -15.24 4.36
N MET A 9 -4.20 -14.43 3.32
CA MET A 9 -4.99 -13.21 3.35
C MET A 9 -5.98 -13.24 2.21
N TRP A 10 -7.22 -12.86 2.51
CA TRP A 10 -8.24 -12.74 1.48
C TRP A 10 -8.61 -11.28 1.32
N ILE A 11 -8.63 -10.80 0.09
CA ILE A 11 -8.99 -9.42 -0.13
C ILE A 11 -10.08 -9.35 -1.20
N GLY A 12 -11.24 -8.84 -0.79
CA GLY A 12 -12.32 -8.58 -1.72
C GLY A 12 -12.16 -7.18 -2.27
N VAL A 13 -12.48 -7.01 -3.54
CA VAL A 13 -12.33 -5.72 -4.20
C VAL A 13 -13.61 -5.36 -4.93
N ILE A 14 -14.06 -4.12 -4.74
CA ILE A 14 -15.21 -3.59 -5.47
C ILE A 14 -14.68 -2.56 -6.45
N SER A 15 -14.84 -2.83 -7.75
CA SER A 15 -14.24 -1.97 -8.78
C SER A 15 -14.98 -2.07 -10.11
N LEU A 16 -15.13 -0.92 -10.77
CA LEU A 16 -15.64 -0.85 -12.14
C LEU A 16 -14.63 -1.37 -13.17
N PHE A 17 -13.39 -1.54 -12.74
CA PHE A 17 -12.34 -2.02 -13.63
C PHE A 17 -11.52 -3.14 -13.01
N PRO A 18 -12.14 -4.31 -12.79
CA PRO A 18 -11.46 -5.41 -12.11
C PRO A 18 -10.22 -5.92 -12.86
N GLU A 19 -10.19 -5.77 -14.17
CA GLU A 19 -9.03 -6.23 -14.94
C GLU A 19 -7.75 -5.47 -14.59
N MET A 20 -7.88 -4.27 -14.01
CA MET A 20 -6.69 -3.53 -13.56
C MET A 20 -5.90 -4.36 -12.55
N PHE A 21 -6.60 -5.17 -11.78
CA PHE A 21 -5.94 -5.92 -10.71
C PHE A 21 -5.07 -7.08 -11.20
N LYS A 22 -5.14 -7.39 -12.50
CA LYS A 22 -4.16 -8.33 -13.08
C LYS A 22 -2.73 -7.84 -12.86
N ALA A 23 -2.55 -6.53 -12.72
CA ALA A 23 -1.21 -5.98 -12.56
C ALA A 23 -0.56 -6.52 -11.29
N ILE A 24 -1.35 -6.80 -10.26
CA ILE A 24 -0.75 -7.44 -9.10
C ILE A 24 -1.00 -8.96 -9.03
N THR A 25 -2.08 -9.46 -9.63
CA THR A 25 -2.37 -10.89 -9.46
C THR A 25 -1.64 -11.79 -10.48
N GLU A 26 -1.11 -11.19 -11.54
CA GLU A 26 -0.45 -11.98 -12.59
C GLU A 26 1.07 -11.80 -12.69
N PHE A 27 1.66 -10.88 -11.93
CA PHE A 27 3.09 -10.58 -12.07
C PHE A 27 3.85 -10.47 -10.76
N GLY A 28 5.13 -10.85 -10.82
CA GLY A 28 6.05 -10.59 -9.74
C GLY A 28 5.74 -11.34 -8.47
N VAL A 29 6.24 -10.83 -7.37
CA VAL A 29 6.08 -11.41 -6.05
C VAL A 29 4.60 -11.57 -5.66
N THR A 30 3.78 -10.57 -5.96
CA THR A 30 2.36 -10.69 -5.64
C THR A 30 1.67 -11.72 -6.54
N GLY A 31 2.09 -11.82 -7.80
CA GLY A 31 1.55 -12.85 -8.68
C GLY A 31 1.86 -14.24 -8.16
N ARG A 32 3.08 -14.42 -7.67
CA ARG A 32 3.49 -15.68 -7.06
CA ARG A 32 3.49 -15.69 -7.06
C ARG A 32 2.64 -16.00 -5.84
N ALA A 33 2.42 -14.98 -5.00
CA ALA A 33 1.60 -15.17 -3.78
C ALA A 33 0.21 -15.64 -4.13
N VAL A 34 -0.36 -15.07 -5.20
CA VAL A 34 -1.70 -15.48 -5.62
C VAL A 34 -1.69 -16.90 -6.15
N LYS A 35 -0.71 -17.22 -6.99
CA LYS A 35 -0.61 -18.57 -7.55
C LYS A 35 -0.44 -19.62 -6.45
N HIS A 36 0.25 -19.25 -5.38
CA HIS A 36 0.54 -20.18 -4.28
C HIS A 36 -0.51 -20.18 -3.16
N ASN A 37 -1.60 -19.45 -3.39
CA ASN A 37 -2.72 -19.35 -2.45
C ASN A 37 -2.37 -18.71 -1.10
N LEU A 38 -1.34 -17.87 -1.09
CA LEU A 38 -1.02 -17.12 0.12
C LEU A 38 -1.90 -15.89 0.17
N LEU A 39 -2.30 -15.45 -1.02
CA LEU A 39 -3.10 -14.25 -1.19
C LEU A 39 -4.20 -14.55 -2.18
N LYS A 40 -5.43 -14.19 -1.82
CA LYS A 40 -6.54 -14.32 -2.75
C LYS A 40 -7.19 -12.96 -2.94
N VAL A 41 -7.34 -12.57 -4.19
CA VAL A 41 -7.96 -11.29 -4.53
C VAL A 41 -9.20 -11.61 -5.35
N GLU A 42 -10.35 -11.17 -4.85
CA GLU A 42 -11.62 -11.50 -5.49
C GLU A 42 -12.36 -10.21 -5.79
N CYS A 43 -12.81 -10.03 -7.04
CA CYS A 43 -13.36 -8.74 -7.48
C CYS A 43 -14.86 -8.83 -7.80
N TRP A 44 -15.59 -7.79 -7.41
CA TRP A 44 -16.99 -7.60 -7.79
C TRP A 44 -17.13 -6.26 -8.49
N ASN A 45 -17.84 -6.25 -9.60
CA ASN A 45 -18.00 -5.06 -10.44
C ASN A 45 -19.45 -4.54 -10.31
N PRO A 46 -19.64 -3.33 -9.78
CA PRO A 46 -20.98 -2.72 -9.69
C PRO A 46 -21.75 -2.80 -11.01
N ARG A 47 -21.06 -2.79 -12.15
CA ARG A 47 -21.78 -2.86 -13.41
CA ARG A 47 -21.73 -2.90 -13.44
C ARG A 47 -22.57 -4.17 -13.51
N ASP A 48 -22.10 -5.22 -12.84
CA ASP A 48 -22.84 -6.48 -12.85
C ASP A 48 -24.10 -6.46 -11.98
N PHE A 49 -24.25 -5.43 -11.16
CA PHE A 49 -25.42 -5.33 -10.28
C PHE A 49 -26.41 -4.28 -10.76
N THR A 50 -26.22 -3.79 -11.98
CA THR A 50 -27.19 -2.87 -12.59
C THR A 50 -28.37 -3.64 -13.20
N PHE A 51 -29.49 -2.96 -13.40
CA PHE A 51 -30.65 -3.58 -14.03
C PHE A 51 -31.15 -2.85 -15.28
N ASP A 52 -30.64 -1.65 -15.54
CA ASP A 52 -31.14 -0.92 -16.70
C ASP A 52 -30.37 -1.37 -17.95
N LYS A 53 -30.94 -1.07 -19.11
CA LYS A 53 -30.41 -1.53 -20.39
C LYS A 53 -28.96 -1.12 -20.62
N HIS A 54 -28.62 0.08 -20.21
CA HIS A 54 -27.27 0.58 -20.48
C HIS A 54 -26.31 0.41 -19.30
N LYS A 55 -26.76 -0.30 -18.27
CA LYS A 55 -25.90 -0.70 -17.16
C LYS A 55 -25.23 0.51 -16.51
N THR A 56 -26.06 1.44 -16.06
CA THR A 56 -25.61 2.73 -15.58
C THR A 56 -25.00 2.62 -14.19
N VAL A 57 -23.78 3.13 -14.02
CA VAL A 57 -23.09 3.01 -12.74
C VAL A 57 -22.74 4.36 -12.14
N ASP A 58 -23.13 5.46 -12.81
CA ASP A 58 -22.89 6.78 -12.23
C ASP A 58 -24.22 7.50 -12.01
N ASP A 59 -24.20 8.60 -11.27
CA ASP A 59 -25.43 9.34 -10.97
C ASP A 59 -25.04 10.77 -10.63
N ARG A 60 -26.02 11.67 -10.73
CA ARG A 60 -25.79 13.09 -10.56
C ARG A 60 -25.80 13.49 -9.09
N PRO A 61 -24.88 14.39 -8.71
CA PRO A 61 -24.82 14.82 -7.32
C PRO A 61 -25.93 15.80 -6.98
N TYR A 62 -26.59 15.60 -5.84
CA TYR A 62 -27.49 16.63 -5.35
C TYR A 62 -26.70 17.93 -5.15
N GLY A 63 -27.30 19.05 -5.52
CA GLY A 63 -26.68 20.35 -5.31
C GLY A 63 -25.87 20.80 -6.51
N GLY A 64 -25.84 19.97 -7.54
CA GLY A 64 -25.14 20.32 -8.77
C GLY A 64 -23.64 20.19 -8.64
N GLY A 65 -22.93 20.76 -9.62
CA GLY A 65 -21.49 20.57 -9.69
C GLY A 65 -21.13 19.89 -11.00
N PRO A 66 -19.85 19.92 -11.37
CA PRO A 66 -19.41 19.41 -12.67
C PRO A 66 -19.49 17.89 -12.80
N GLY A 67 -19.12 17.19 -11.74
CA GLY A 67 -18.87 15.75 -11.85
C GLY A 67 -20.06 14.85 -11.57
N MET A 68 -19.78 13.55 -11.58
CA MET A 68 -20.76 12.53 -11.25
C MET A 68 -20.26 11.76 -10.03
N LEU A 69 -21.17 11.02 -9.40
CA LEU A 69 -20.80 10.11 -8.34
C LEU A 69 -21.10 8.70 -8.76
N MET A 70 -20.54 7.73 -8.05
CA MET A 70 -20.96 6.37 -8.29
CA MET A 70 -20.95 6.34 -8.19
C MET A 70 -22.43 6.23 -7.88
N MET A 71 -23.18 5.50 -8.71
CA MET A 71 -24.60 5.28 -8.46
C MET A 71 -24.73 4.38 -7.22
N VAL A 72 -25.60 4.77 -6.31
CA VAL A 72 -25.71 4.06 -5.04
C VAL A 72 -26.14 2.58 -5.15
N GLN A 73 -27.24 2.29 -5.84
CA GLN A 73 -27.77 0.92 -5.80
C GLN A 73 -26.79 -0.18 -6.32
N PRO A 74 -26.17 0.00 -7.50
CA PRO A 74 -25.23 -1.04 -7.93
C PRO A 74 -24.03 -1.20 -7.00
N LEU A 75 -23.52 -0.08 -6.49
CA LEU A 75 -22.35 -0.11 -5.62
C LEU A 75 -22.68 -0.77 -4.28
N ARG A 76 -23.80 -0.35 -3.70
CA ARG A 76 -24.28 -0.94 -2.46
C ARG A 76 -24.49 -2.45 -2.60
N ASP A 77 -25.13 -2.86 -3.69
CA ASP A 77 -25.39 -4.30 -3.88
C ASP A 77 -24.07 -5.08 -4.05
N ALA A 78 -23.10 -4.49 -4.75
CA ALA A 78 -21.80 -5.16 -4.91
C ALA A 78 -21.10 -5.34 -3.56
N ILE A 79 -21.12 -4.27 -2.75
CA ILE A 79 -20.54 -4.34 -1.42
C ILE A 79 -21.22 -5.42 -0.57
N HIS A 80 -22.55 -5.45 -0.57
CA HIS A 80 -23.26 -6.45 0.22
C HIS A 80 -22.88 -7.87 -0.20
N THR A 81 -22.70 -8.05 -1.51
CA THR A 81 -22.33 -9.36 -2.02
C THR A 81 -20.91 -9.75 -1.58
N ALA A 82 -20.00 -8.80 -1.62
CA ALA A 82 -18.64 -9.07 -1.15
C ALA A 82 -18.63 -9.38 0.35
N LYS A 83 -19.44 -8.66 1.13
CA LYS A 83 -19.53 -8.91 2.56
C LYS A 83 -20.08 -10.30 2.85
N ALA A 84 -21.09 -10.71 2.09
CA ALA A 84 -21.64 -12.05 2.26
C ALA A 84 -20.60 -13.12 1.92
N ALA A 85 -19.80 -12.89 0.90
CA ALA A 85 -18.75 -13.84 0.54
C ALA A 85 -17.66 -13.91 1.60
N ALA A 86 -17.35 -12.78 2.23
CA ALA A 86 -16.26 -12.71 3.19
C ALA A 86 -16.61 -13.40 4.50
N GLY A 87 -17.90 -13.41 4.83
CA GLY A 87 -18.33 -13.91 6.11
C GLY A 87 -17.93 -12.94 7.20
N GLU A 88 -17.91 -13.40 8.44
CA GLU A 88 -17.63 -12.54 9.58
C GLU A 88 -16.16 -12.10 9.63
N GLY A 89 -15.94 -10.90 10.16
CA GLY A 89 -14.60 -10.43 10.45
C GLY A 89 -13.92 -9.54 9.42
N ALA A 90 -14.51 -9.40 8.23
CA ALA A 90 -13.88 -8.62 7.18
C ALA A 90 -14.03 -7.12 7.43
N LYS A 91 -12.92 -6.40 7.39
CA LYS A 91 -12.91 -4.95 7.54
C LYS A 91 -13.08 -4.31 6.16
N VAL A 92 -14.02 -3.37 6.05
CA VAL A 92 -14.30 -2.73 4.77
C VAL A 92 -13.63 -1.36 4.71
N ILE A 93 -12.83 -1.16 3.67
CA ILE A 93 -11.98 0.01 3.54
C ILE A 93 -12.36 0.77 2.29
N TYR A 94 -12.49 2.09 2.42
CA TYR A 94 -12.68 2.95 1.26
C TYR A 94 -11.41 3.77 1.00
N LEU A 95 -10.92 3.73 -0.24
CA LEU A 95 -9.73 4.48 -0.61
C LEU A 95 -10.07 5.91 -1.05
N SER A 96 -9.54 6.91 -0.38
CA SER A 96 -9.78 8.29 -0.80
C SER A 96 -8.76 9.24 -0.17
N PRO A 97 -8.59 10.44 -0.75
CA PRO A 97 -7.68 11.42 -0.14
C PRO A 97 -8.17 11.92 1.22
N GLN A 98 -9.43 11.70 1.56
CA GLN A 98 -9.95 12.16 2.85
C GLN A 98 -9.65 11.15 3.96
N GLY A 99 -9.00 10.04 3.62
CA GLY A 99 -8.76 8.98 4.57
C GLY A 99 -7.48 9.12 5.38
N ARG A 100 -7.30 8.21 6.33
CA ARG A 100 -6.10 8.15 7.14
C ARG A 100 -4.90 7.92 6.24
N LYS A 101 -3.83 8.68 6.45
CA LYS A 101 -2.68 8.58 5.56
C LYS A 101 -1.92 7.28 5.79
N LEU A 102 -1.79 6.47 4.74
CA LEU A 102 -1.03 5.22 4.83
C LEU A 102 0.47 5.45 5.06
N ASP A 103 1.03 4.73 6.03
CA ASP A 103 2.47 4.64 6.18
C ASP A 103 2.79 3.21 6.62
N GLN A 104 4.06 2.89 6.80
CA GLN A 104 4.45 1.49 7.01
C GLN A 104 3.84 0.93 8.30
N GLY A 105 3.72 1.77 9.32
CA GLY A 105 3.06 1.36 10.56
C GLY A 105 1.60 1.01 10.29
N GLY A 106 0.95 1.81 9.45
CA GLY A 106 -0.45 1.57 9.10
C GLY A 106 -0.57 0.30 8.27
N VAL A 107 0.44 0.03 7.43
CA VAL A 107 0.46 -1.21 6.65
C VAL A 107 0.50 -2.43 7.59
N THR A 108 1.35 -2.37 8.60
CA THR A 108 1.49 -3.49 9.53
C THR A 108 0.18 -3.68 10.31
N GLU A 109 -0.54 -2.58 10.55
CA GLU A 109 -1.84 -2.67 11.22
C GLU A 109 -2.87 -3.37 10.34
N LEU A 110 -2.97 -2.93 9.10
CA LEU A 110 -3.88 -3.53 8.13
C LEU A 110 -3.54 -5.00 7.88
N ALA A 111 -2.25 -5.33 7.91
CA ALA A 111 -1.80 -6.69 7.65
C ALA A 111 -2.27 -7.68 8.72
N GLN A 112 -2.73 -7.17 9.86
CA GLN A 112 -3.23 -8.03 10.94
C GLN A 112 -4.59 -8.65 10.61
N ASN A 113 -5.27 -8.07 9.61
CA ASN A 113 -6.57 -8.55 9.19
C ASN A 113 -6.44 -9.75 8.25
N GLN A 114 -7.21 -10.79 8.50
CA GLN A 114 -7.19 -11.96 7.64
C GLN A 114 -8.07 -11.70 6.42
N LYS A 115 -9.06 -10.82 6.57
CA LYS A 115 -9.96 -10.46 5.48
C LYS A 115 -10.12 -8.96 5.36
N LEU A 116 -10.01 -8.45 4.13
CA LEU A 116 -10.28 -7.05 3.84
C LEU A 116 -11.19 -6.95 2.63
N ILE A 117 -12.06 -5.93 2.62
CA ILE A 117 -12.80 -5.56 1.43
C ILE A 117 -12.44 -4.14 1.06
N LEU A 118 -11.98 -3.93 -0.18
CA LEU A 118 -11.52 -2.62 -0.61
C LEU A 118 -12.48 -2.04 -1.63
N VAL A 119 -13.05 -0.89 -1.32
CA VAL A 119 -14.00 -0.25 -2.22
C VAL A 119 -13.27 0.84 -3.02
N CYS A 120 -13.29 0.69 -4.35
CA CYS A 120 -12.61 1.63 -5.24
C CYS A 120 -13.61 2.58 -5.87
N GLY A 121 -13.50 3.85 -5.53
CA GLY A 121 -14.40 4.85 -6.10
C GLY A 121 -13.90 5.27 -7.47
N ARG A 122 -14.82 5.73 -8.32
CA ARG A 122 -14.48 6.37 -9.59
C ARG A 122 -15.30 7.66 -9.62
N TYR A 123 -15.14 8.47 -10.68
CA TYR A 123 -15.83 9.76 -10.78
C TYR A 123 -15.49 10.64 -9.57
N GLU A 124 -16.46 11.37 -9.03
CA GLU A 124 -16.14 12.24 -7.90
C GLU A 124 -16.26 11.52 -6.56
N GLY A 125 -16.47 10.21 -6.61
CA GLY A 125 -16.46 9.40 -5.41
C GLY A 125 -17.82 8.78 -5.10
N ILE A 126 -18.04 8.44 -3.84
CA ILE A 126 -19.26 7.75 -3.46
C ILE A 126 -20.09 8.56 -2.48
N ASP A 127 -21.37 8.22 -2.39
CA ASP A 127 -22.30 8.88 -1.48
C ASP A 127 -21.82 8.80 -0.03
N GLU A 128 -21.84 9.95 0.64
CA GLU A 128 -21.37 10.04 2.03
C GLU A 128 -22.09 9.06 2.95
N ARG A 129 -23.37 8.82 2.70
CA ARG A 129 -24.13 7.92 3.56
C ARG A 129 -23.69 6.47 3.40
N LEU A 130 -23.12 6.11 2.26
CA LEU A 130 -22.55 4.76 2.09
C LEU A 130 -21.28 4.62 2.94
N ILE A 131 -20.51 5.70 3.03
CA ILE A 131 -19.33 5.69 3.88
C ILE A 131 -19.79 5.46 5.32
N GLN A 132 -20.86 6.14 5.71
CA GLN A 132 -21.37 5.99 7.07
C GLN A 132 -21.92 4.60 7.32
N THR A 133 -22.59 4.00 6.34
CA THR A 133 -23.31 2.76 6.59
C THR A 133 -22.56 1.49 6.18
N GLU A 134 -21.59 1.60 5.28
CA GLU A 134 -20.94 0.39 4.75
C GLU A 134 -19.44 0.34 5.00
N ILE A 135 -18.83 1.50 5.23
CA ILE A 135 -17.36 1.54 5.30
C ILE A 135 -16.87 1.54 6.76
N ASP A 136 -15.87 0.73 7.06
CA ASP A 136 -15.33 0.71 8.42
C ASP A 136 -14.25 1.76 8.59
N GLU A 137 -13.35 1.84 7.61
CA GLU A 137 -12.21 2.75 7.65
C GLU A 137 -11.93 3.39 6.29
N GLU A 138 -11.59 4.67 6.31
CA GLU A 138 -11.15 5.37 5.10
C GLU A 138 -9.64 5.55 5.16
N TRP A 139 -8.97 5.18 4.09
CA TRP A 139 -7.51 5.29 3.99
C TRP A 139 -7.08 6.00 2.73
N SER A 140 -6.01 6.80 2.84
CA SER A 140 -5.38 7.44 1.69
C SER A 140 -3.96 6.91 1.51
N ILE A 141 -3.51 6.77 0.26
CA ILE A 141 -2.11 6.38 0.05
C ILE A 141 -1.17 7.59 -0.04
N GLY A 142 -1.73 8.79 -0.03
CA GLY A 142 -0.90 9.98 -0.06
C GLY A 142 -1.71 11.20 -0.44
N ASP A 143 -1.14 12.38 -0.25
CA ASP A 143 -1.88 13.63 -0.48
C ASP A 143 -1.87 14.06 -1.94
N TYR A 144 -2.52 13.26 -2.77
CA TYR A 144 -2.65 13.57 -4.19
C TYR A 144 -3.91 12.91 -4.72
N VAL A 145 -4.40 13.41 -5.86
CA VAL A 145 -5.67 12.95 -6.39
C VAL A 145 -5.46 12.13 -7.66
N LEU A 146 -6.13 10.97 -7.70
CA LEU A 146 -6.03 10.05 -8.82
C LEU A 146 -7.38 9.90 -9.49
N THR A 147 -7.43 9.22 -10.64
CA THR A 147 -8.68 9.09 -11.37
C THR A 147 -9.60 8.03 -10.75
N GLY A 148 -9.08 7.22 -9.85
CA GLY A 148 -9.90 6.21 -9.21
C GLY A 148 -9.17 5.54 -8.06
N GLY A 149 -9.89 4.76 -7.26
CA GLY A 149 -9.28 4.10 -6.11
C GLY A 149 -8.53 2.80 -6.41
N GLU A 150 -8.49 2.38 -7.67
CA GLU A 150 -7.88 1.07 -7.98
C GLU A 150 -6.37 1.04 -7.72
N LEU A 151 -5.65 2.07 -8.18
CA LEU A 151 -4.20 2.09 -7.93
C LEU A 151 -3.94 2.17 -6.41
N PRO A 152 -4.69 3.01 -5.68
CA PRO A 152 -4.50 2.94 -4.23
C PRO A 152 -4.81 1.57 -3.61
N ALA A 153 -5.86 0.89 -4.07
CA ALA A 153 -6.18 -0.45 -3.56
C ALA A 153 -5.03 -1.41 -3.86
N MET A 154 -4.51 -1.36 -5.07
CA MET A 154 -3.44 -2.26 -5.44
C MET A 154 -2.18 -1.98 -4.65
N THR A 155 -1.92 -0.70 -4.42
CA THR A 155 -0.78 -0.27 -3.60
C THR A 155 -0.91 -0.84 -2.19
N LEU A 156 -2.09 -0.72 -1.61
CA LEU A 156 -2.35 -1.27 -0.28
C LEU A 156 -2.15 -2.79 -0.28
N ILE A 157 -2.69 -3.45 -1.30
CA ILE A 157 -2.60 -4.92 -1.36
C ILE A 157 -1.12 -5.34 -1.43
N ASP A 158 -0.37 -4.69 -2.29
CA ASP A 158 1.05 -5.01 -2.45
C ASP A 158 1.78 -4.81 -1.12
N ALA A 159 1.52 -3.69 -0.45
CA ALA A 159 2.21 -3.38 0.78
C ALA A 159 1.92 -4.41 1.87
N VAL A 160 0.65 -4.80 2.02
CA VAL A 160 0.32 -5.74 3.09
C VAL A 160 0.75 -7.16 2.73
N ALA A 161 0.74 -7.48 1.44
CA ALA A 161 1.16 -8.80 0.97
C ALA A 161 2.57 -9.15 1.43
N ARG A 162 3.43 -8.14 1.50
CA ARG A 162 4.81 -8.36 1.93
C ARG A 162 4.90 -8.91 3.35
N PHE A 163 3.83 -8.77 4.13
CA PHE A 163 3.86 -9.27 5.50
C PHE A 163 3.27 -10.66 5.66
N ILE A 164 2.75 -11.21 4.57
CA ILE A 164 2.23 -12.57 4.60
C ILE A 164 3.42 -13.52 4.57
N PRO A 165 3.50 -14.41 5.56
CA PRO A 165 4.64 -15.35 5.59
C PRO A 165 4.70 -16.17 4.31
N GLY A 166 5.90 -16.32 3.77
CA GLY A 166 6.09 -17.09 2.56
C GLY A 166 6.07 -16.27 1.29
N VAL A 167 5.59 -15.03 1.38
CA VAL A 167 5.48 -14.19 0.20
C VAL A 167 6.86 -13.68 -0.21
N LEU A 168 7.63 -13.18 0.76
CA LEU A 168 8.98 -12.74 0.50
C LEU A 168 9.94 -13.92 0.64
N GLY A 169 11.06 -13.85 -0.07
CA GLY A 169 12.07 -14.89 0.00
C GLY A 169 12.83 -14.82 1.31
N ALA A 180 12.67 0.69 7.26
CA ALA A 180 12.28 -0.54 7.96
C ALA A 180 12.21 -0.30 9.47
N ASP A 181 13.34 0.03 10.07
CA ASP A 181 13.37 0.40 11.49
C ASP A 181 13.22 1.90 11.65
N GLY A 182 12.46 2.51 10.74
CA GLY A 182 12.14 3.91 10.84
C GLY A 182 13.06 4.78 10.00
N LEU A 183 14.11 4.17 9.47
CA LEU A 183 15.11 4.89 8.68
C LEU A 183 15.01 4.60 7.19
N LEU A 184 15.50 5.54 6.38
CA LEU A 184 15.67 5.32 4.95
C LEU A 184 16.72 4.24 4.71
N ASP A 185 16.57 3.51 3.61
CA ASP A 185 17.51 2.45 3.25
C ASP A 185 18.91 3.02 2.96
N CYS A 186 19.93 2.19 3.17
CA CYS A 186 21.31 2.54 2.80
C CYS A 186 21.53 2.34 1.29
N PRO A 187 22.60 2.95 0.73
CA PRO A 187 22.89 2.67 -0.68
C PRO A 187 23.35 1.24 -0.89
N HIS A 188 23.08 0.72 -2.08
CA HIS A 188 23.40 -0.64 -2.45
C HIS A 188 24.27 -0.66 -3.70
N TYR A 189 25.17 -1.63 -3.78
CA TYR A 189 26.08 -1.73 -4.93
C TYR A 189 26.15 -3.14 -5.43
N THR A 190 26.24 -3.29 -6.75
CA THR A 190 26.47 -4.59 -7.35
C THR A 190 27.52 -4.43 -8.47
N ARG A 191 27.78 -5.48 -9.24
CA ARG A 191 28.80 -5.42 -10.30
C ARG A 191 28.45 -4.32 -11.30
N PRO A 192 29.45 -3.66 -11.89
CA PRO A 192 30.90 -3.86 -11.76
C PRO A 192 31.54 -3.08 -10.61
N GLU A 193 32.79 -3.42 -10.30
CA GLU A 193 33.49 -2.79 -9.20
C GLU A 193 33.63 -1.28 -9.45
N VAL A 194 33.80 -0.90 -10.72
CA VAL A 194 33.90 0.50 -11.10
C VAL A 194 32.87 0.81 -12.20
N LEU A 195 32.08 1.85 -11.98
CA LEU A 195 31.03 2.21 -12.93
C LEU A 195 31.07 3.71 -13.20
N GLU A 196 31.40 4.06 -14.44
CA GLU A 196 31.67 5.44 -14.83
C GLU A 196 32.60 6.17 -13.86
N GLY A 197 33.69 5.50 -13.48
CA GLY A 197 34.70 6.09 -12.61
C GLY A 197 34.35 5.98 -11.13
N LEU A 198 33.12 5.57 -10.84
CA LEU A 198 32.62 5.48 -9.47
C LEU A 198 32.87 4.09 -8.89
N THR A 199 33.54 4.04 -7.75
CA THR A 199 33.97 2.78 -7.18
C THR A 199 33.04 2.33 -6.05
N VAL A 200 33.00 1.03 -5.80
CA VAL A 200 32.27 0.49 -4.66
C VAL A 200 33.05 0.80 -3.37
N PRO A 201 32.37 1.33 -2.33
CA PRO A 201 33.01 1.53 -1.02
C PRO A 201 33.81 0.29 -0.57
N PRO A 202 35.12 0.45 -0.33
CA PRO A 202 36.00 -0.67 0.04
C PRO A 202 35.48 -1.52 1.19
N VAL A 203 34.76 -0.93 2.14
CA VAL A 203 34.25 -1.70 3.27
C VAL A 203 33.34 -2.84 2.81
N LEU A 204 32.53 -2.59 1.77
CA LEU A 204 31.64 -3.63 1.25
C LEU A 204 32.39 -4.79 0.60
N MET A 205 33.67 -4.56 0.29
CA MET A 205 34.50 -5.59 -0.32
C MET A 205 35.35 -6.32 0.71
N SER A 206 35.30 -5.86 1.96
CA SER A 206 36.22 -6.32 3.00
C SER A 206 35.86 -7.68 3.58
N GLY A 207 34.58 -8.05 3.48
CA GLY A 207 34.12 -9.28 4.10
C GLY A 207 34.04 -9.17 5.62
N HIS A 208 34.21 -7.96 6.14
CA HIS A 208 34.09 -7.71 7.57
C HIS A 208 32.64 -7.40 7.90
N HIS A 209 31.90 -8.42 8.32
CA HIS A 209 30.45 -8.31 8.40
C HIS A 209 29.98 -7.30 9.43
N GLU A 210 30.73 -7.13 10.51
CA GLU A 210 30.37 -6.15 11.53
C GLU A 210 30.63 -4.74 11.03
N GLU A 211 31.76 -4.53 10.34
CA GLU A 211 32.05 -3.22 9.76
C GLU A 211 31.01 -2.86 8.70
N ILE A 212 30.61 -3.86 7.90
CA ILE A 212 29.62 -3.62 6.85
C ILE A 212 28.28 -3.22 7.47
N ARG A 213 27.90 -3.91 8.53
CA ARG A 213 26.65 -3.61 9.22
C ARG A 213 26.62 -2.16 9.71
N LYS A 214 27.67 -1.78 10.41
CA LYS A 214 27.77 -0.43 10.98
C LYS A 214 27.82 0.63 9.88
N TRP A 215 28.55 0.36 8.81
CA TRP A 215 28.56 1.27 7.65
C TRP A 215 27.16 1.49 7.09
N ARG A 216 26.44 0.41 6.85
CA ARG A 216 25.07 0.50 6.30
C ARG A 216 24.16 1.28 7.24
N LEU A 217 24.28 0.99 8.53
CA LEU A 217 23.46 1.67 9.53
C LEU A 217 23.80 3.17 9.57
N LYS A 218 25.09 3.49 9.54
CA LYS A 218 25.53 4.87 9.51
C LYS A 218 25.00 5.61 8.27
N GLN A 219 25.05 4.94 7.12
CA GLN A 219 24.52 5.52 5.88
C GLN A 219 23.03 5.78 5.98
N SER A 220 22.28 4.84 6.55
CA SER A 220 20.83 5.01 6.70
C SER A 220 20.52 6.19 7.60
N LEU A 221 21.27 6.31 8.70
CA LEU A 221 21.09 7.42 9.61
C LEU A 221 21.44 8.75 8.94
N GLN A 222 22.55 8.77 8.21
CA GLN A 222 22.95 9.99 7.50
C GLN A 222 21.91 10.39 6.43
N ARG A 223 21.47 9.43 5.63
CA ARG A 223 20.51 9.70 4.57
CA ARG A 223 20.51 9.70 4.57
C ARG A 223 19.17 10.16 5.15
N THR A 224 18.76 9.56 6.26
CA THR A 224 17.50 9.96 6.89
C THR A 224 17.62 11.39 7.41
N TRP A 225 18.74 11.69 8.05
CA TRP A 225 19.02 13.03 8.57
C TRP A 225 19.03 14.11 7.48
N LEU A 226 19.68 13.84 6.35
CA LEU A 226 19.77 14.83 5.27
C LEU A 226 18.46 14.99 4.47
N ARG A 227 17.75 13.88 4.26
CA ARG A 227 16.59 13.91 3.37
C ARG A 227 15.27 14.04 4.10
N ARG A 228 15.17 13.38 5.26
CA ARG A 228 13.90 13.29 5.98
C ARG A 228 14.12 13.47 7.47
N PRO A 229 14.64 14.64 7.88
CA PRO A 229 15.03 14.78 9.29
C PRO A 229 13.86 14.62 10.27
N GLU A 230 12.64 14.85 9.80
CA GLU A 230 11.49 14.74 10.68
C GLU A 230 11.26 13.28 11.09
N LEU A 231 11.70 12.34 10.27
CA LEU A 231 11.55 10.93 10.60
C LEU A 231 12.39 10.55 11.83
N LEU A 232 13.53 11.22 12.00
CA LEU A 232 14.40 10.97 13.15
C LEU A 232 13.78 11.40 14.48
N GLU A 233 12.99 12.46 14.45
CA GLU A 233 12.36 12.97 15.66
C GLU A 233 11.35 11.97 16.23
N GLY A 234 10.91 11.03 15.40
CA GLY A 234 9.93 10.04 15.83
C GLY A 234 10.57 8.80 16.41
N LEU A 235 11.90 8.81 16.48
CA LEU A 235 12.64 7.63 16.90
C LEU A 235 13.34 7.81 18.24
N ALA A 236 13.45 6.70 18.97
CA ALA A 236 14.33 6.62 20.13
C ALA A 236 15.57 5.86 19.69
N LEU A 237 16.61 6.59 19.31
CA LEU A 237 17.80 5.96 18.77
C LEU A 237 18.51 5.13 19.82
N THR A 238 19.05 4.00 19.41
CA THR A 238 19.93 3.23 20.30
C THR A 238 21.23 3.99 20.53
N ASP A 239 21.97 3.61 21.56
CA ASP A 239 23.30 4.16 21.81
C ASP A 239 24.15 4.09 20.55
N GLU A 240 24.14 2.92 19.90
CA GLU A 240 24.94 2.74 18.69
C GLU A 240 24.48 3.70 17.60
N GLN A 241 23.17 3.85 17.45
CA GLN A 241 22.66 4.73 16.41
C GLN A 241 22.97 6.19 16.70
N ARG A 242 22.90 6.59 17.97
CA ARG A 242 23.27 7.95 18.37
C ARG A 242 24.71 8.26 18.00
N LYS A 243 25.60 7.30 18.26
CA LYS A 243 27.03 7.47 17.96
C LYS A 243 27.30 7.60 16.47
N LEU A 244 26.76 6.68 15.69
CA LEU A 244 26.99 6.70 14.23
C LEU A 244 26.36 7.93 13.59
N LEU A 245 25.20 8.38 14.09
CA LEU A 245 24.60 9.61 13.57
C LEU A 245 25.47 10.82 13.89
N LYS A 246 25.99 10.90 15.11
CA LYS A 246 26.90 11.98 15.47
C LYS A 246 28.16 11.94 14.61
N GLU A 247 28.65 10.73 14.31
CA GLU A 247 29.82 10.62 13.44
C GLU A 247 29.52 11.16 12.05
N ALA A 248 28.38 10.76 11.49
CA ALA A 248 27.98 11.19 10.15
C ALA A 248 27.80 12.70 10.08
N GLN A 249 27.20 13.29 11.11
CA GLN A 249 26.96 14.72 11.13
C GLN A 249 28.28 15.49 11.25
N ALA A 250 29.21 14.95 12.03
CA ALA A 250 30.55 15.55 12.14
C ALA A 250 31.32 15.50 10.81
N GLU A 251 31.25 14.36 10.14
CA GLU A 251 31.91 14.20 8.84
C GLU A 251 31.29 15.09 7.78
N HIS A 252 29.98 15.24 7.85
CA HIS A 252 29.26 16.10 6.92
C HIS A 252 29.68 17.54 7.07
N ASN A 253 29.96 17.95 8.30
CA ASN A 253 30.38 19.32 8.60
C ASN A 253 31.81 19.59 8.14
C2 4FG B . -7.81 7.57 -3.53
C3 4FG B . -8.73 7.66 -4.54
C5 4FG B . -6.55 9.39 -4.53
C1 4FG B . -6.69 8.44 -3.51
C4 4FG B . -8.51 8.65 -5.54
C 4FG B . -5.67 8.37 -2.45
N2 4FG B . -7.42 9.52 -5.54
N1 4FG B . -9.40 8.80 -6.58
N 4FG B . -4.84 9.46 -2.29
O 4FG B . -5.53 7.41 -1.70
#